data_1HN2
#
_entry.id   1HN2
#
_cell.length_a   55.589
_cell.length_b   65.091
_cell.length_c   42.249
_cell.angle_alpha   90.00
_cell.angle_beta   98.29
_cell.angle_gamma   90.00
#
_symmetry.space_group_name_H-M   'P 1 21 1'
#
loop_
_entity.id
_entity.type
_entity.pdbx_description
1 polymer 'ODORANT-BINDING PROTEIN'
2 non-polymer ANTHRACEN-1-YLAMINE
3 non-polymer (3R)-oct-1-en-3-ol
4 water water
#
_entity_poly.entity_id   1
_entity_poly.type   'polypeptide(L)'
_entity_poly.pdbx_seq_one_letter_code
;AQEEEAEQNLSELSGPWRTVYIGSTNPEKIQENGPFRTYFRELVFDDEKGTVDFYFSVKRDGKWKNVHVKATKQDDGTYV
ADYEGQNVFKIVSLSRTHLVAHNINVDKHGQTTELTELFVKLNVEDEDLEKFWKLTEDKGIDKKNVVNFLENENHPHPE
;
_entity_poly.pdbx_strand_id   A,B
#
loop_
_chem_comp.id
_chem_comp.type
_chem_comp.name
_chem_comp.formula
3OL non-polymer (3R)-oct-1-en-3-ol 'C8 H16 O'
ANC non-polymer ANTHRACEN-1-YLAMINE 'C14 H11 N'
#
# COMPACT_ATOMS: atom_id res chain seq x y z
N ALA A 1 -23.53 36.57 -6.74
CA ALA A 1 -22.26 35.85 -6.42
C ALA A 1 -22.48 34.36 -6.37
N GLN A 2 -21.60 33.59 -7.00
CA GLN A 2 -21.75 32.15 -6.95
C GLN A 2 -21.03 31.73 -5.68
N GLU A 3 -20.34 30.60 -5.72
CA GLU A 3 -19.60 30.14 -4.56
C GLU A 3 -18.35 31.01 -4.40
N GLU A 4 -17.67 30.86 -3.27
CA GLU A 4 -16.47 31.64 -3.00
C GLU A 4 -15.25 30.74 -3.15
N GLU A 5 -14.08 31.37 -3.31
CA GLU A 5 -12.83 30.64 -3.49
C GLU A 5 -12.57 29.67 -2.34
N ALA A 6 -11.91 28.56 -2.65
CA ALA A 6 -11.60 27.55 -1.64
C ALA A 6 -10.13 27.53 -1.26
N GLU A 7 -9.85 27.76 0.02
CA GLU A 7 -8.47 27.75 0.52
C GLU A 7 -7.99 26.31 0.40
N GLN A 8 -7.14 26.04 -0.59
CA GLN A 8 -6.65 24.69 -0.83
C GLN A 8 -5.19 24.40 -0.47
N ASN A 9 -4.99 23.50 0.48
CA ASN A 9 -3.66 23.08 0.90
C ASN A 9 -3.61 21.56 0.91
N LEU A 10 -3.34 20.97 -0.24
CA LEU A 10 -3.28 19.51 -0.39
C LEU A 10 -1.86 18.99 -0.53
N SER A 11 -0.90 19.92 -0.60
CA SER A 11 0.51 19.57 -0.74
C SER A 11 0.89 18.52 0.29
N GLU A 12 0.30 18.67 1.47
CA GLU A 12 0.48 17.81 2.63
C GLU A 12 0.21 16.33 2.32
N LEU A 13 -0.83 16.09 1.52
CA LEU A 13 -1.25 14.73 1.19
C LEU A 13 -0.39 13.96 0.20
N SER A 14 0.62 14.60 -0.36
CA SER A 14 1.50 13.95 -1.32
C SER A 14 2.21 12.75 -0.68
N GLY A 15 2.43 11.71 -1.46
CA GLY A 15 3.11 10.54 -0.95
C GLY A 15 2.59 9.26 -1.57
N PRO A 16 2.93 8.10 -0.99
CA PRO A 16 2.47 6.83 -1.54
C PRO A 16 0.99 6.55 -1.25
N TRP A 17 0.25 6.23 -2.30
CA TRP A 17 -1.18 5.92 -2.20
C TRP A 17 -1.43 4.60 -2.89
N ARG A 18 -2.51 3.93 -2.49
CA ARG A 18 -2.87 2.65 -3.08
C ARG A 18 -4.36 2.59 -3.41
N THR A 19 -4.68 1.84 -4.45
CA THR A 19 -6.07 1.67 -4.88
C THR A 19 -6.75 0.62 -3.99
N VAL A 20 -7.94 0.94 -3.51
CA VAL A 20 -8.71 -0.02 -2.70
C VAL A 20 -9.81 -0.56 -3.59
N TYR A 21 -10.68 0.33 -4.08
CA TYR A 21 -11.77 -0.06 -4.97
C TYR A 21 -11.93 0.91 -6.14
N ILE A 22 -12.38 0.38 -7.26
CA ILE A 22 -12.70 1.18 -8.43
C ILE A 22 -13.97 0.57 -9.01
N GLY A 23 -14.97 1.41 -9.24
CA GLY A 23 -16.22 0.95 -9.82
C GLY A 23 -16.38 1.61 -11.18
N SER A 24 -17.20 1.02 -12.05
CA SER A 24 -17.38 1.58 -13.39
C SER A 24 -18.75 1.28 -13.99
N THR A 25 -19.28 2.23 -14.74
CA THR A 25 -20.58 2.04 -15.39
C THR A 25 -20.38 1.10 -16.57
N ASN A 26 -19.13 0.97 -17.01
CA ASN A 26 -18.77 0.08 -18.11
C ASN A 26 -17.72 -0.88 -17.56
N PRO A 27 -18.12 -2.13 -17.25
CA PRO A 27 -17.21 -3.14 -16.69
C PRO A 27 -15.96 -3.43 -17.53
N GLU A 28 -16.07 -3.30 -18.85
CA GLU A 28 -14.95 -3.57 -19.74
C GLU A 28 -13.73 -2.72 -19.39
N LYS A 29 -13.96 -1.47 -19.00
CA LYS A 29 -12.88 -0.55 -18.68
C LYS A 29 -12.02 -0.95 -17.47
N ILE A 30 -12.58 -1.74 -16.54
CA ILE A 30 -11.81 -2.13 -15.37
C ILE A 30 -11.53 -3.63 -15.26
N GLN A 31 -12.02 -4.40 -16.23
CA GLN A 31 -11.77 -5.84 -16.25
C GLN A 31 -10.30 -6.04 -16.60
N GLU A 32 -9.83 -7.28 -16.52
CA GLU A 32 -8.45 -7.57 -16.84
C GLU A 32 -8.10 -6.98 -18.21
N ASN A 33 -6.95 -6.33 -18.27
CA ASN A 33 -6.47 -5.68 -19.49
C ASN A 33 -7.22 -4.38 -19.75
N GLY A 34 -8.08 -3.98 -18.82
CA GLY A 34 -8.84 -2.75 -18.98
C GLY A 34 -7.97 -1.53 -18.72
N PRO A 35 -8.19 -0.41 -19.42
CA PRO A 35 -7.37 0.79 -19.21
C PRO A 35 -7.47 1.44 -17.83
N PHE A 36 -8.57 1.22 -17.12
CA PHE A 36 -8.68 1.82 -15.80
C PHE A 36 -8.49 0.88 -14.62
N ARG A 37 -7.90 -0.29 -14.88
CA ARG A 37 -7.60 -1.25 -13.80
C ARG A 37 -6.24 -0.77 -13.32
N THR A 38 -6.26 0.41 -12.69
CA THR A 38 -5.07 1.09 -12.23
C THR A 38 -4.68 0.93 -10.78
N TYR A 39 -3.48 0.39 -10.56
CA TYR A 39 -2.93 0.21 -9.21
C TYR A 39 -2.08 1.45 -8.91
N PHE A 40 -2.60 2.32 -8.05
CA PHE A 40 -1.90 3.53 -7.68
C PHE A 40 -0.61 3.26 -6.93
N ARG A 41 0.36 4.15 -7.10
CA ARG A 41 1.64 4.03 -6.43
C ARG A 41 1.95 5.33 -5.66
N GLU A 42 1.77 6.45 -6.34
CA GLU A 42 2.08 7.74 -5.72
C GLU A 42 1.24 8.89 -6.26
N LEU A 43 0.97 9.87 -5.40
CA LEU A 43 0.22 11.05 -5.78
C LEU A 43 0.99 12.26 -5.27
N VAL A 44 1.15 13.27 -6.12
CA VAL A 44 1.84 14.49 -5.74
C VAL A 44 0.95 15.70 -6.04
N PHE A 45 0.61 16.44 -5.01
CA PHE A 45 -0.24 17.62 -5.13
C PHE A 45 0.61 18.89 -5.06
N ASP A 46 0.38 19.80 -6.01
CA ASP A 46 1.09 21.08 -6.03
C ASP A 46 0.04 22.18 -5.94
N ASP A 47 -0.03 22.82 -4.77
CA ASP A 47 -1.00 23.88 -4.52
C ASP A 47 -0.76 25.18 -5.27
N GLU A 48 0.49 25.41 -5.68
CA GLU A 48 0.82 26.64 -6.40
C GLU A 48 0.50 26.54 -7.89
N LYS A 49 0.80 25.40 -8.49
CA LYS A 49 0.52 25.19 -9.90
C LYS A 49 -0.88 24.63 -10.06
N GLY A 50 -1.48 24.23 -8.95
CA GLY A 50 -2.82 23.68 -8.97
C GLY A 50 -2.94 22.40 -9.79
N THR A 51 -1.99 21.49 -9.60
CA THR A 51 -1.99 20.23 -10.33
C THR A 51 -1.87 19.02 -9.41
N VAL A 52 -2.07 17.85 -10.01
CA VAL A 52 -1.96 16.58 -9.30
C VAL A 52 -1.28 15.61 -10.25
N ASP A 53 -0.17 15.03 -9.81
CA ASP A 53 0.52 14.05 -10.64
C ASP A 53 0.18 12.65 -10.14
N PHE A 54 -0.32 11.83 -11.06
CA PHE A 54 -0.69 10.46 -10.77
C PHE A 54 0.40 9.52 -11.25
N TYR A 55 0.82 8.59 -10.40
CA TYR A 55 1.81 7.59 -10.79
C TYR A 55 1.16 6.26 -10.47
N PHE A 56 0.91 5.47 -11.50
CA PHE A 56 0.26 4.18 -11.28
C PHE A 56 0.74 3.14 -12.28
N SER A 57 0.31 1.91 -12.06
CA SER A 57 0.69 0.80 -12.94
C SER A 57 -0.55 0.12 -13.49
N VAL A 58 -0.47 -0.30 -14.75
CA VAL A 58 -1.56 -0.98 -15.40
C VAL A 58 -0.97 -2.04 -16.33
N LYS A 59 -1.68 -3.16 -16.45
CA LYS A 59 -1.22 -4.25 -17.30
C LYS A 59 -1.90 -4.09 -18.66
N ARG A 60 -1.10 -4.03 -19.72
CA ARG A 60 -1.62 -3.89 -21.07
C ARG A 60 -1.02 -4.91 -22.02
N ASP A 61 -1.87 -5.68 -22.69
CA ASP A 61 -1.39 -6.67 -23.65
C ASP A 61 -0.39 -7.64 -23.03
N GLY A 62 -0.62 -8.02 -21.77
CA GLY A 62 0.23 -8.97 -21.09
C GLY A 62 1.53 -8.41 -20.55
N LYS A 63 1.56 -7.09 -20.46
CA LYS A 63 2.78 -6.42 -20.11
C LYS A 63 2.50 -5.29 -19.08
N TRP A 64 3.32 -5.16 -18.03
CA TRP A 64 3.10 -4.10 -17.03
C TRP A 64 3.71 -2.76 -17.44
N LYS A 65 2.93 -1.70 -17.24
CA LYS A 65 3.35 -0.35 -17.60
C LYS A 65 3.24 0.61 -16.42
N ASN A 66 4.25 1.47 -16.27
CA ASN A 66 4.24 2.48 -15.22
C ASN A 66 3.82 3.76 -15.92
N VAL A 67 2.71 4.33 -15.47
CA VAL A 67 2.16 5.52 -16.09
C VAL A 67 2.22 6.76 -15.20
N HIS A 68 2.42 7.91 -15.84
CA HIS A 68 2.46 9.19 -15.17
C HIS A 68 1.48 10.12 -15.87
N VAL A 69 0.51 10.62 -15.11
CA VAL A 69 -0.49 11.53 -15.63
C VAL A 69 -0.54 12.82 -14.81
N LYS A 70 -0.59 13.98 -15.50
CA LYS A 70 -0.74 15.28 -14.82
C LYS A 70 -2.10 15.77 -14.99
N ALA A 71 -2.72 16.15 -13.88
CA ALA A 71 -4.05 16.70 -13.94
C ALA A 71 -4.00 18.18 -13.54
N THR A 72 -4.83 18.99 -14.18
CA THR A 72 -4.88 20.43 -13.89
C THR A 72 -6.24 20.83 -13.34
N LYS A 73 -6.24 21.59 -12.24
CA LYS A 73 -7.47 22.05 -11.61
C LYS A 73 -8.12 23.13 -12.48
N GLN A 74 -9.43 23.32 -12.29
CA GLN A 74 -10.17 24.34 -13.04
C GLN A 74 -10.95 25.20 -12.06
N ASP A 75 -11.42 26.36 -12.53
CA ASP A 75 -12.21 27.26 -11.69
C ASP A 75 -13.34 26.44 -11.11
N ASP A 76 -13.80 25.49 -11.91
CA ASP A 76 -14.88 24.59 -11.56
C ASP A 76 -14.59 23.82 -10.26
N GLY A 77 -13.30 23.54 -10.03
CA GLY A 77 -12.92 22.81 -8.83
C GLY A 77 -12.51 21.40 -9.22
N THR A 78 -12.94 20.98 -10.40
CA THR A 78 -12.62 19.65 -10.90
C THR A 78 -11.25 19.69 -11.55
N TYR A 79 -10.76 18.52 -11.94
CA TYR A 79 -9.46 18.41 -12.58
C TYR A 79 -9.68 17.75 -13.92
N VAL A 80 -8.84 18.10 -14.90
CA VAL A 80 -8.93 17.50 -16.22
C VAL A 80 -7.59 16.86 -16.52
N ALA A 81 -7.60 15.78 -17.27
CA ALA A 81 -6.37 15.10 -17.63
C ALA A 81 -6.61 14.20 -18.82
N ASP A 82 -5.54 13.97 -19.57
CA ASP A 82 -5.61 13.11 -20.74
C ASP A 82 -5.04 11.74 -20.39
N TYR A 83 -5.87 10.74 -20.60
CA TYR A 83 -5.50 9.35 -20.37
C TYR A 83 -6.61 8.50 -20.96
N GLU A 84 -6.29 7.74 -21.99
CA GLU A 84 -7.28 6.89 -22.65
C GLU A 84 -8.51 7.74 -22.96
N GLY A 85 -8.25 8.96 -23.42
CA GLY A 85 -9.34 9.88 -23.74
C GLY A 85 -9.25 11.12 -22.87
N GLN A 86 -10.38 11.82 -22.73
CA GLN A 86 -10.43 13.02 -21.90
C GLN A 86 -11.08 12.66 -20.57
N ASN A 87 -10.53 13.20 -19.48
CA ASN A 87 -11.08 12.91 -18.17
C ASN A 87 -11.38 14.16 -17.39
N VAL A 88 -12.47 14.10 -16.63
CA VAL A 88 -12.90 15.19 -15.77
C VAL A 88 -13.23 14.50 -14.46
N PHE A 89 -12.42 14.72 -13.43
CA PHE A 89 -12.74 14.07 -12.18
C PHE A 89 -12.87 15.02 -11.02
N LYS A 90 -13.60 14.55 -10.03
CA LYS A 90 -13.89 15.34 -8.85
C LYS A 90 -13.54 14.58 -7.57
N ILE A 91 -12.90 15.27 -6.64
CA ILE A 91 -12.56 14.66 -5.35
C ILE A 91 -13.79 14.90 -4.49
N VAL A 92 -14.49 13.82 -4.17
CA VAL A 92 -15.71 13.90 -3.37
C VAL A 92 -15.43 13.96 -1.87
N SER A 93 -14.50 13.13 -1.40
CA SER A 93 -14.14 13.09 0.01
C SER A 93 -12.63 12.95 0.11
N LEU A 94 -12.02 13.71 1.01
CA LEU A 94 -10.57 13.66 1.16
C LEU A 94 -10.11 13.93 2.59
N SER A 95 -9.09 13.20 3.03
CA SER A 95 -8.52 13.37 4.36
C SER A 95 -7.06 12.94 4.30
N ARG A 96 -6.41 12.92 5.46
CA ARG A 96 -5.00 12.54 5.54
C ARG A 96 -4.77 11.06 5.22
N THR A 97 -5.86 10.28 5.18
CA THR A 97 -5.72 8.86 4.92
C THR A 97 -6.52 8.29 3.74
N HIS A 98 -7.53 9.00 3.28
CA HIS A 98 -8.33 8.48 2.18
C HIS A 98 -8.73 9.51 1.14
N LEU A 99 -9.10 9.00 -0.03
CA LEU A 99 -9.56 9.83 -1.14
C LEU A 99 -10.69 9.07 -1.83
N VAL A 100 -11.82 9.75 -1.98
CA VAL A 100 -12.95 9.15 -2.68
C VAL A 100 -13.18 10.07 -3.85
N ALA A 101 -13.08 9.54 -5.07
CA ALA A 101 -13.24 10.37 -6.25
C ALA A 101 -14.21 9.83 -7.28
N HIS A 102 -14.66 10.72 -8.15
CA HIS A 102 -15.58 10.41 -9.22
C HIS A 102 -14.92 10.90 -10.51
N ASN A 103 -14.79 10.03 -11.50
CA ASN A 103 -14.18 10.40 -12.77
C ASN A 103 -15.10 10.13 -13.96
N ILE A 104 -15.11 11.05 -14.92
CA ILE A 104 -15.90 10.88 -16.13
C ILE A 104 -14.89 10.81 -17.26
N ASN A 105 -14.93 9.72 -18.00
CA ASN A 105 -14.02 9.51 -19.12
C ASN A 105 -14.79 9.36 -20.42
N VAL A 106 -14.25 9.96 -21.47
CA VAL A 106 -14.86 9.89 -22.80
C VAL A 106 -13.75 9.40 -23.69
N ASP A 107 -13.88 8.18 -24.22
CA ASP A 107 -12.83 7.63 -25.06
C ASP A 107 -12.83 8.18 -26.48
N LYS A 108 -11.94 7.65 -27.31
CA LYS A 108 -11.79 8.08 -28.70
C LYS A 108 -13.00 7.83 -29.57
N HIS A 109 -14.01 7.14 -29.03
CA HIS A 109 -15.22 6.85 -29.78
C HIS A 109 -16.41 7.59 -29.19
N GLY A 110 -16.12 8.57 -28.34
CA GLY A 110 -17.17 9.35 -27.71
C GLY A 110 -17.95 8.62 -26.64
N GLN A 111 -17.51 7.42 -26.29
CA GLN A 111 -18.20 6.63 -25.27
C GLN A 111 -17.92 7.23 -23.89
N THR A 112 -18.98 7.39 -23.11
CA THR A 112 -18.86 7.97 -21.77
C THR A 112 -18.88 6.91 -20.68
N THR A 113 -17.89 6.96 -19.78
CA THR A 113 -17.81 6.02 -18.68
C THR A 113 -17.61 6.76 -17.36
N GLU A 114 -18.40 6.42 -16.35
CA GLU A 114 -18.25 7.07 -15.06
C GLU A 114 -17.61 6.05 -14.11
N LEU A 115 -16.60 6.51 -13.37
CA LEU A 115 -15.91 5.62 -12.43
C LEU A 115 -15.86 6.25 -11.06
N THR A 116 -15.88 5.40 -10.04
CA THR A 116 -15.79 5.85 -8.66
C THR A 116 -14.58 5.12 -8.09
N GLU A 117 -13.93 5.72 -7.11
CA GLU A 117 -12.76 5.08 -6.56
C GLU A 117 -12.47 5.48 -5.13
N LEU A 118 -11.86 4.53 -4.42
CA LEU A 118 -11.45 4.73 -3.04
C LEU A 118 -9.96 4.42 -3.02
N PHE A 119 -9.16 5.37 -2.56
CA PHE A 119 -7.72 5.18 -2.47
C PHE A 119 -7.30 5.49 -1.04
N VAL A 120 -6.29 4.80 -0.56
CA VAL A 120 -5.80 5.02 0.80
C VAL A 120 -4.33 5.38 0.78
N LYS A 121 -3.92 6.24 1.70
CA LYS A 121 -2.55 6.67 1.77
C LYS A 121 -1.73 5.83 2.74
N LEU A 122 -0.48 5.57 2.36
CA LEU A 122 0.41 4.82 3.24
C LEU A 122 1.21 5.87 3.98
N ASN A 123 0.80 6.14 5.22
CA ASN A 123 1.46 7.15 6.02
C ASN A 123 2.61 6.62 6.87
N VAL A 124 3.79 7.22 6.69
CA VAL A 124 4.96 6.83 7.45
C VAL A 124 5.30 8.01 8.37
N GLU A 125 5.07 7.82 9.66
CA GLU A 125 5.32 8.87 10.65
C GLU A 125 6.79 9.07 10.99
N ASP A 126 7.18 10.31 11.28
CA ASP A 126 8.56 10.62 11.64
C ASP A 126 8.99 9.90 12.91
N GLU A 127 8.10 9.81 13.89
CA GLU A 127 8.42 9.13 15.14
C GLU A 127 8.82 7.67 14.90
N ASP A 128 8.10 7.00 14.02
CA ASP A 128 8.37 5.60 13.72
C ASP A 128 9.64 5.44 12.88
N LEU A 129 9.88 6.38 11.96
CA LEU A 129 11.09 6.33 11.14
C LEU A 129 12.32 6.49 12.04
N GLU A 130 12.21 7.36 13.04
CA GLU A 130 13.30 7.61 13.96
C GLU A 130 13.59 6.37 14.78
N LYS A 131 12.53 5.71 15.23
CA LYS A 131 12.67 4.49 16.01
C LYS A 131 13.41 3.44 15.17
N PHE A 132 13.05 3.34 13.89
CA PHE A 132 13.70 2.37 13.01
C PHE A 132 15.18 2.69 12.80
N TRP A 133 15.50 3.96 12.52
CA TRP A 133 16.89 4.32 12.31
C TRP A 133 17.74 4.15 13.55
N LYS A 134 17.18 4.43 14.72
CA LYS A 134 17.96 4.26 15.94
C LYS A 134 18.27 2.79 16.15
N LEU A 135 17.24 1.96 16.04
CA LEU A 135 17.40 0.51 16.21
C LEU A 135 18.43 -0.01 15.21
N THR A 136 18.32 0.45 13.98
CA THR A 136 19.22 0.04 12.92
C THR A 136 20.65 0.43 13.24
N GLU A 137 20.83 1.62 13.80
CA GLU A 137 22.16 2.10 14.17
C GLU A 137 22.66 1.27 15.35
N ASP A 138 21.78 0.96 16.31
CA ASP A 138 22.14 0.16 17.46
C ASP A 138 22.69 -1.23 17.05
N LYS A 139 22.11 -1.85 16.00
CA LYS A 139 22.50 -3.17 15.47
C LYS A 139 23.71 -3.08 14.55
N GLY A 140 24.32 -1.91 14.49
CA GLY A 140 25.51 -1.70 13.68
C GLY A 140 25.29 -1.95 12.18
N ILE A 141 24.10 -1.61 11.69
CA ILE A 141 23.80 -1.80 10.28
C ILE A 141 24.05 -0.51 9.50
N ASP A 142 24.80 -0.62 8.41
CA ASP A 142 25.15 0.51 7.57
C ASP A 142 23.95 0.96 6.74
N LYS A 143 23.81 2.27 6.57
CA LYS A 143 22.71 2.83 5.80
C LYS A 143 22.69 2.23 4.41
N LYS A 144 23.85 1.88 3.84
CA LYS A 144 23.78 1.32 2.49
C LYS A 144 23.26 -0.11 2.51
N ASN A 145 23.13 -0.71 3.70
CA ASN A 145 22.56 -2.06 3.79
C ASN A 145 21.08 -2.05 4.22
N VAL A 146 20.38 -1.00 3.82
CA VAL A 146 18.96 -0.84 4.11
C VAL A 146 18.25 -0.70 2.77
N VAL A 147 17.20 -1.49 2.56
CA VAL A 147 16.45 -1.44 1.31
C VAL A 147 15.10 -0.74 1.47
N ASN A 148 14.77 0.12 0.51
CA ASN A 148 13.51 0.85 0.49
C ASN A 148 12.51 0.03 -0.34
N PHE A 149 11.44 -0.44 0.30
CA PHE A 149 10.44 -1.24 -0.39
C PHE A 149 9.25 -0.45 -0.92
N LEU A 150 9.17 0.82 -0.58
CA LEU A 150 8.07 1.67 -1.02
C LEU A 150 8.31 2.18 -2.44
N GLU A 151 9.55 2.56 -2.71
CA GLU A 151 9.91 3.05 -4.03
C GLU A 151 10.94 2.11 -4.64
N ASN A 152 10.49 0.96 -5.14
CA ASN A 152 11.40 0.00 -5.75
C ASN A 152 10.77 -0.65 -6.98
N GLU A 153 11.52 -0.62 -8.09
CA GLU A 153 11.05 -1.20 -9.35
C GLU A 153 10.75 -2.69 -9.23
N ASN A 154 11.64 -3.42 -8.59
CA ASN A 154 11.50 -4.86 -8.42
C ASN A 154 10.47 -5.20 -7.35
N HIS A 155 9.21 -5.36 -7.75
CA HIS A 155 8.13 -5.69 -6.82
C HIS A 155 7.15 -6.73 -7.39
N PRO A 156 6.40 -7.41 -6.51
CA PRO A 156 5.42 -8.43 -6.91
C PRO A 156 4.31 -7.89 -7.81
N HIS A 157 3.68 -8.79 -8.56
CA HIS A 157 2.58 -8.42 -9.45
C HIS A 157 1.24 -8.84 -8.88
N PRO A 158 0.27 -7.91 -8.84
CA PRO A 158 -1.06 -8.21 -8.31
C PRO A 158 -1.86 -9.13 -9.22
N GLU A 159 -1.40 -9.27 -10.45
CA GLU A 159 -2.08 -10.12 -11.43
C GLU A 159 -1.22 -10.34 -12.68
N GLU B 3 -18.29 11.11 16.37
CA GLU B 3 -16.85 10.78 16.55
C GLU B 3 -16.66 9.51 17.36
N GLU B 4 -16.19 8.45 16.72
CA GLU B 4 -15.96 7.19 17.42
C GLU B 4 -14.81 6.39 16.82
N GLU B 5 -14.15 5.60 17.68
CA GLU B 5 -13.04 4.78 17.24
C GLU B 5 -13.22 3.36 17.76
N ALA B 6 -12.95 2.38 16.91
CA ALA B 6 -13.08 0.98 17.27
C ALA B 6 -12.28 0.67 18.53
N GLU B 7 -12.76 -0.29 19.31
CA GLU B 7 -12.07 -0.70 20.53
C GLU B 7 -10.72 -1.28 20.17
N GLN B 8 -9.71 -0.96 20.97
CA GLN B 8 -8.36 -1.45 20.73
C GLN B 8 -8.19 -2.91 21.12
N ASN B 9 -7.88 -3.74 20.13
CA ASN B 9 -7.67 -5.16 20.34
C ASN B 9 -6.44 -5.53 19.50
N LEU B 10 -5.65 -6.48 19.99
CA LEU B 10 -4.45 -6.90 19.25
C LEU B 10 -4.88 -7.48 17.92
N SER B 11 -6.03 -8.13 17.91
CA SER B 11 -6.57 -8.75 16.71
C SER B 11 -7.04 -7.68 15.72
N GLU B 12 -7.25 -6.47 16.22
CA GLU B 12 -7.68 -5.36 15.38
C GLU B 12 -6.51 -4.90 14.52
N LEU B 13 -5.31 -5.32 14.89
CA LEU B 13 -4.11 -4.96 14.15
C LEU B 13 -3.95 -5.84 12.91
N SER B 14 -4.65 -6.97 12.90
CA SER B 14 -4.59 -7.90 11.76
C SER B 14 -5.11 -7.25 10.49
N GLY B 15 -4.53 -7.60 9.35
CA GLY B 15 -4.97 -7.02 8.10
C GLY B 15 -3.83 -6.77 7.13
N PRO B 16 -4.03 -5.91 6.12
CA PRO B 16 -2.96 -5.64 5.15
C PRO B 16 -1.84 -4.78 5.74
N TRP B 17 -0.61 -5.23 5.57
CA TRP B 17 0.56 -4.52 6.05
C TRP B 17 1.56 -4.48 4.89
N ARG B 18 2.41 -3.46 4.88
CA ARG B 18 3.40 -3.30 3.83
C ARG B 18 4.79 -3.02 4.40
N THR B 19 5.81 -3.51 3.69
CA THR B 19 7.18 -3.30 4.12
C THR B 19 7.62 -1.91 3.67
N VAL B 20 8.32 -1.18 4.54
CA VAL B 20 8.83 0.14 4.19
C VAL B 20 10.34 0.03 4.05
N TYR B 21 11.02 -0.41 5.12
CA TYR B 21 12.46 -0.57 5.12
C TYR B 21 12.86 -1.86 5.81
N ILE B 22 13.92 -2.48 5.33
CA ILE B 22 14.49 -3.66 5.98
C ILE B 22 16.00 -3.47 5.94
N GLY B 23 16.63 -3.59 7.10
CA GLY B 23 18.07 -3.46 7.20
C GLY B 23 18.69 -4.80 7.58
N SER B 24 19.93 -5.06 7.15
CA SER B 24 20.58 -6.34 7.46
C SER B 24 22.08 -6.22 7.73
N THR B 25 22.57 -6.99 8.71
CA THR B 25 24.00 -6.99 9.02
C THR B 25 24.76 -7.71 7.90
N ASN B 26 24.04 -8.53 7.15
CA ASN B 26 24.60 -9.27 6.02
C ASN B 26 23.81 -8.84 4.78
N PRO B 27 24.40 -7.97 3.96
CA PRO B 27 23.72 -7.48 2.74
C PRO B 27 23.16 -8.55 1.80
N GLU B 28 23.85 -9.68 1.69
CA GLU B 28 23.41 -10.75 0.80
C GLU B 28 22.01 -11.28 1.11
N LYS B 29 21.61 -11.20 2.37
CA LYS B 29 20.29 -11.70 2.77
C LYS B 29 19.14 -10.85 2.23
N ILE B 30 19.40 -9.59 1.89
CA ILE B 30 18.34 -8.73 1.37
C ILE B 30 18.54 -8.21 -0.04
N GLN B 31 19.57 -8.73 -0.73
CA GLN B 31 19.84 -8.35 -2.11
C GLN B 31 18.83 -9.10 -2.96
N GLU B 32 18.79 -8.77 -4.26
CA GLU B 32 17.87 -9.46 -5.15
C GLU B 32 18.09 -10.95 -4.98
N ASN B 33 16.99 -11.70 -4.90
CA ASN B 33 17.01 -13.14 -4.69
C ASN B 33 17.43 -13.54 -3.26
N GLY B 34 17.53 -12.56 -2.37
CA GLY B 34 17.89 -12.83 -1.00
C GLY B 34 16.62 -13.27 -0.27
N PRO B 35 16.71 -14.23 0.67
CA PRO B 35 15.52 -14.70 1.40
C PRO B 35 14.80 -13.68 2.27
N PHE B 36 15.47 -12.60 2.66
CA PHE B 36 14.80 -11.61 3.50
C PHE B 36 14.38 -10.31 2.84
N ARG B 37 14.34 -10.30 1.50
CA ARG B 37 13.88 -9.12 0.75
C ARG B 37 12.38 -9.40 0.62
N THR B 38 11.70 -9.35 1.76
CA THR B 38 10.30 -9.69 1.86
C THR B 38 9.28 -8.55 1.75
N TYR B 39 8.36 -8.68 0.79
CA TYR B 39 7.29 -7.71 0.62
C TYR B 39 6.07 -8.23 1.40
N PHE B 40 5.73 -7.58 2.51
CA PHE B 40 4.58 -8.03 3.30
C PHE B 40 3.22 -7.82 2.61
N ARG B 41 2.30 -8.73 2.88
CA ARG B 41 0.95 -8.68 2.32
C ARG B 41 -0.05 -8.50 3.46
N GLU B 42 -0.01 -9.43 4.41
CA GLU B 42 -0.94 -9.38 5.56
C GLU B 42 -0.30 -9.99 6.79
N LEU B 43 -0.80 -9.58 7.96
CA LEU B 43 -0.33 -10.11 9.24
C LEU B 43 -1.60 -10.43 10.01
N VAL B 44 -1.59 -11.53 10.75
CA VAL B 44 -2.74 -11.91 11.56
C VAL B 44 -2.26 -12.17 12.98
N PHE B 45 -2.76 -11.39 13.92
CA PHE B 45 -2.38 -11.54 15.32
C PHE B 45 -3.46 -12.32 16.06
N ASP B 46 -3.04 -13.29 16.87
CA ASP B 46 -4.00 -14.09 17.64
C ASP B 46 -3.60 -14.07 19.12
N ASP B 47 -4.31 -13.25 19.89
CA ASP B 47 -4.05 -13.10 21.32
C ASP B 47 -4.18 -14.41 22.09
N GLU B 48 -5.22 -15.17 21.78
CA GLU B 48 -5.49 -16.46 22.42
C GLU B 48 -4.36 -17.47 22.29
N LYS B 49 -3.95 -17.74 21.06
CA LYS B 49 -2.89 -18.71 20.81
C LYS B 49 -1.49 -18.15 20.98
N GLY B 50 -1.36 -16.82 21.01
CA GLY B 50 -0.05 -16.22 21.14
C GLY B 50 0.75 -16.43 19.86
N THR B 51 0.11 -16.19 18.72
CA THR B 51 0.76 -16.37 17.43
C THR B 51 0.59 -15.18 16.49
N VAL B 52 1.47 -15.11 15.50
CA VAL B 52 1.38 -14.08 14.49
C VAL B 52 1.62 -14.81 13.19
N ASP B 53 0.69 -14.69 12.24
CA ASP B 53 0.87 -15.34 10.96
C ASP B 53 1.33 -14.28 9.98
N PHE B 54 2.42 -14.58 9.27
CA PHE B 54 3.02 -13.67 8.29
C PHE B 54 2.73 -14.14 6.88
N TYR B 55 2.29 -13.21 6.03
CA TYR B 55 2.05 -13.51 4.63
C TYR B 55 2.86 -12.51 3.84
N PHE B 56 3.82 -13.02 3.07
CA PHE B 56 4.65 -12.13 2.28
C PHE B 56 5.06 -12.77 0.97
N SER B 57 5.72 -11.98 0.14
CA SER B 57 6.20 -12.44 -1.15
C SER B 57 7.69 -12.19 -1.23
N VAL B 58 8.40 -13.09 -1.90
CA VAL B 58 9.84 -12.93 -2.02
C VAL B 58 10.26 -13.56 -3.34
N LYS B 59 11.19 -12.95 -4.04
CA LYS B 59 11.56 -13.58 -5.29
C LYS B 59 12.80 -14.45 -5.16
N ARG B 60 12.65 -15.65 -5.72
CA ARG B 60 13.65 -16.70 -5.66
C ARG B 60 13.81 -17.33 -7.05
N ASP B 61 15.05 -17.40 -7.51
CA ASP B 61 15.33 -17.95 -8.83
C ASP B 61 14.59 -17.14 -9.89
N GLY B 62 14.57 -15.83 -9.72
CA GLY B 62 13.89 -15.00 -10.68
C GLY B 62 12.36 -15.06 -10.65
N LYS B 63 11.75 -15.82 -9.74
CA LYS B 63 10.30 -15.78 -9.69
C LYS B 63 9.76 -15.52 -8.28
N TRP B 64 8.65 -14.79 -8.27
CA TRP B 64 8.00 -14.40 -7.04
C TRP B 64 7.27 -15.56 -6.40
N LYS B 65 7.45 -15.71 -5.09
CA LYS B 65 6.80 -16.78 -4.36
C LYS B 65 6.01 -16.21 -3.19
N ASN B 66 4.85 -16.81 -2.90
CA ASN B 66 4.03 -16.38 -1.78
C ASN B 66 4.39 -17.33 -0.64
N VAL B 67 4.73 -16.76 0.51
CA VAL B 67 5.13 -17.56 1.66
C VAL B 67 4.31 -17.23 2.90
N HIS B 68 4.04 -18.26 3.70
CA HIS B 68 3.31 -18.08 4.96
C HIS B 68 4.20 -18.61 6.08
N VAL B 69 4.35 -17.82 7.15
CA VAL B 69 5.15 -18.22 8.29
C VAL B 69 4.38 -17.93 9.58
N LYS B 70 4.32 -18.91 10.47
CA LYS B 70 3.65 -18.77 11.77
C LYS B 70 4.69 -18.62 12.84
N ALA B 71 4.62 -17.53 13.59
CA ALA B 71 5.57 -17.33 14.68
C ALA B 71 4.82 -17.59 15.98
N THR B 72 5.53 -18.09 17.00
CA THR B 72 4.91 -18.38 18.29
C THR B 72 5.56 -17.56 19.40
N LYS B 73 4.73 -16.92 20.23
CA LYS B 73 5.31 -16.09 21.27
C LYS B 73 5.84 -16.90 22.47
N GLN B 74 6.93 -16.39 23.03
CA GLN B 74 7.58 -17.03 24.18
C GLN B 74 7.23 -16.25 25.44
N ASP B 75 7.58 -16.81 26.59
CA ASP B 75 7.30 -16.15 27.86
C ASP B 75 7.95 -14.77 27.95
N ASP B 76 9.15 -14.63 27.40
CA ASP B 76 9.85 -13.36 27.44
C ASP B 76 9.25 -12.35 26.46
N GLY B 77 8.15 -12.71 25.82
CA GLY B 77 7.51 -11.80 24.88
C GLY B 77 8.05 -11.82 23.46
N THR B 78 9.17 -12.51 23.24
CA THR B 78 9.74 -12.59 21.89
C THR B 78 8.99 -13.68 21.12
N TYR B 79 9.21 -13.75 19.81
CA TYR B 79 8.57 -14.76 18.99
C TYR B 79 9.60 -15.63 18.27
N VAL B 80 9.26 -16.87 18.02
CA VAL B 80 10.15 -17.77 17.30
C VAL B 80 9.46 -18.23 16.05
N ALA B 81 10.22 -18.40 14.98
CA ALA B 81 9.64 -18.84 13.73
C ALA B 81 10.69 -19.55 12.90
N ASP B 82 10.24 -20.51 12.11
CA ASP B 82 11.13 -21.27 11.25
C ASP B 82 10.97 -20.73 9.83
N TYR B 83 12.07 -20.20 9.31
CA TYR B 83 12.10 -19.64 7.96
C TYR B 83 13.56 -19.41 7.60
N GLU B 84 14.04 -20.15 6.60
CA GLU B 84 15.43 -20.05 6.17
C GLU B 84 16.34 -20.12 7.39
N GLY B 85 16.04 -21.07 8.28
CA GLY B 85 16.81 -21.22 9.49
C GLY B 85 15.93 -20.88 10.69
N GLN B 86 16.53 -20.70 11.85
CA GLN B 86 15.76 -20.37 13.04
C GLN B 86 15.76 -18.85 13.24
N ASN B 87 14.62 -18.32 13.65
CA ASN B 87 14.47 -16.89 13.88
C ASN B 87 13.87 -16.58 15.24
N VAL B 88 14.38 -15.50 15.86
CA VAL B 88 13.86 -15.00 17.12
C VAL B 88 13.63 -13.54 16.79
N PHE B 89 12.35 -13.18 16.80
N PHE B 89 12.38 -13.12 16.72
CA PHE B 89 11.79 -11.87 16.42
CA PHE B 89 12.19 -11.72 16.43
C PHE B 89 11.29 -11.04 17.60
C PHE B 89 11.46 -11.06 17.59
N LYS B 90 11.74 -9.78 17.72
CA LYS B 90 11.25 -8.94 18.79
C LYS B 90 10.55 -7.71 18.25
N ILE B 91 9.37 -7.42 18.78
CA ILE B 91 8.64 -6.24 18.36
C ILE B 91 9.10 -5.09 19.25
N VAL B 92 9.79 -4.13 18.65
CA VAL B 92 10.33 -2.99 19.37
C VAL B 92 9.31 -1.86 19.57
N SER B 93 8.42 -1.70 18.60
CA SER B 93 7.38 -0.70 18.66
C SER B 93 6.20 -1.18 17.84
N LEU B 94 5.00 -1.02 18.37
CA LEU B 94 3.80 -1.47 17.69
C LEU B 94 2.58 -0.61 18.00
N SER B 95 1.85 -0.23 16.96
CA SER B 95 0.66 0.57 17.12
C SER B 95 -0.28 0.26 15.97
N ARG B 96 -1.41 0.97 15.96
CA ARG B 96 -2.42 0.78 14.94
C ARG B 96 -1.91 0.97 13.52
N THR B 97 -0.81 1.71 13.35
CA THR B 97 -0.31 1.97 12.01
C THR B 97 1.12 1.55 11.68
N HIS B 98 1.91 1.20 12.69
CA HIS B 98 3.29 0.80 12.41
C HIS B 98 3.81 -0.34 13.26
N LEU B 99 4.87 -0.96 12.76
CA LEU B 99 5.55 -2.05 13.42
C LEU B 99 7.03 -1.95 13.15
N VAL B 100 7.83 -1.90 14.21
CA VAL B 100 9.29 -1.84 14.10
C VAL B 100 9.74 -3.10 14.80
N ALA B 101 10.53 -3.92 14.12
CA ALA B 101 10.98 -5.16 14.73
C ALA B 101 12.44 -5.46 14.47
N HIS B 102 12.99 -6.31 15.32
CA HIS B 102 14.38 -6.76 15.25
C HIS B 102 14.33 -8.29 15.17
N ASN B 103 14.99 -8.86 14.17
CA ASN B 103 15.00 -10.32 13.99
C ASN B 103 16.42 -10.86 13.98
N ILE B 104 16.62 -11.98 14.64
CA ILE B 104 17.92 -12.65 14.67
C ILE B 104 17.68 -13.95 13.92
N ASN B 105 18.47 -14.16 12.86
CA ASN B 105 18.35 -15.37 12.05
C ASN B 105 19.67 -16.15 12.05
N VAL B 106 19.57 -17.46 12.21
CA VAL B 106 20.75 -18.32 12.18
C VAL B 106 20.40 -19.34 11.10
N ASP B 107 21.16 -19.34 9.99
CA ASP B 107 20.84 -20.25 8.87
C ASP B 107 21.33 -21.73 8.99
N LYS B 108 21.09 -22.57 7.94
CA LYS B 108 21.52 -24.01 7.84
C LYS B 108 23.00 -24.15 7.98
N HIS B 109 23.75 -23.06 8.14
CA HIS B 109 25.22 -23.18 8.26
C HIS B 109 25.80 -22.56 9.53
N GLY B 110 24.92 -22.14 10.43
CA GLY B 110 25.34 -21.55 11.68
C GLY B 110 25.70 -20.07 11.58
N GLN B 111 25.43 -19.48 10.41
CA GLN B 111 25.71 -18.07 10.17
C GLN B 111 24.59 -17.21 10.77
N THR B 112 24.97 -16.20 11.56
CA THR B 112 24.01 -15.31 12.20
C THR B 112 23.85 -13.96 11.47
N THR B 113 22.60 -13.55 11.29
CA THR B 113 22.30 -12.28 10.63
C THR B 113 21.26 -11.57 11.46
N GLU B 114 21.46 -10.29 11.71
CA GLU B 114 20.46 -9.52 12.46
C GLU B 114 19.80 -8.56 11.48
N LEU B 115 18.48 -8.45 11.58
CA LEU B 115 17.72 -7.60 10.68
C LEU B 115 16.79 -6.67 11.43
N THR B 116 16.53 -5.52 10.82
CA THR B 116 15.62 -4.54 11.41
C THR B 116 14.60 -4.28 10.32
N GLU B 117 13.38 -3.91 10.73
CA GLU B 117 12.36 -3.63 9.75
C GLU B 117 11.31 -2.65 10.24
N LEU B 118 10.73 -1.94 9.28
CA LEU B 118 9.66 -1.00 9.56
C LEU B 118 8.54 -1.37 8.61
N PHE B 119 7.37 -1.65 9.17
CA PHE B 119 6.21 -2.02 8.39
C PHE B 119 5.06 -1.09 8.74
N VAL B 120 4.20 -0.83 7.76
CA VAL B 120 3.08 0.05 7.98
C VAL B 120 1.79 -0.66 7.58
N LYS B 121 0.72 -0.39 8.32
CA LYS B 121 -0.55 -1.02 8.03
C LYS B 121 -1.41 -0.14 7.13
N LEU B 122 -2.15 -0.78 6.23
CA LEU B 122 -3.06 -0.07 5.34
C LEU B 122 -4.40 -0.10 6.02
N ASN B 123 -4.85 1.06 6.49
CA ASN B 123 -6.12 1.15 7.19
C ASN B 123 -7.26 1.70 6.35
N VAL B 124 -8.36 0.96 6.30
CA VAL B 124 -9.55 1.36 5.57
C VAL B 124 -10.66 1.54 6.60
N GLU B 125 -11.06 2.78 6.83
CA GLU B 125 -12.10 3.11 7.79
C GLU B 125 -13.52 2.83 7.29
N ASP B 126 -14.41 2.51 8.22
CA ASP B 126 -15.81 2.22 7.91
C ASP B 126 -16.52 3.35 7.17
N GLU B 127 -16.41 4.57 7.69
CA GLU B 127 -17.09 5.70 7.04
C GLU B 127 -16.56 6.01 5.66
N ASP B 128 -15.30 5.69 5.40
CA ASP B 128 -14.73 5.94 4.09
C ASP B 128 -15.31 4.93 3.11
N LEU B 129 -15.48 3.70 3.57
CA LEU B 129 -16.05 2.66 2.74
C LEU B 129 -17.50 3.02 2.42
N GLU B 130 -18.22 3.54 3.43
CA GLU B 130 -19.60 3.92 3.21
C GLU B 130 -19.71 5.06 2.22
N LYS B 131 -18.82 6.04 2.31
CA LYS B 131 -18.84 7.16 1.38
C LYS B 131 -18.62 6.65 -0.03
N PHE B 132 -17.70 5.69 -0.18
CA PHE B 132 -17.43 5.13 -1.50
C PHE B 132 -18.65 4.39 -2.06
N TRP B 133 -19.28 3.55 -1.25
CA TRP B 133 -20.44 2.80 -1.73
C TRP B 133 -21.64 3.70 -2.05
N LYS B 134 -21.83 4.77 -1.29
CA LYS B 134 -22.94 5.70 -1.54
C LYS B 134 -22.74 6.37 -2.88
N LEU B 135 -21.54 6.88 -3.11
CA LEU B 135 -21.21 7.54 -4.36
C LEU B 135 -21.39 6.57 -5.51
N THR B 136 -20.95 5.33 -5.28
CA THR B 136 -21.05 4.30 -6.31
C THR B 136 -22.51 4.02 -6.67
N GLU B 137 -23.37 3.94 -5.67
CA GLU B 137 -24.77 3.69 -5.97
C GLU B 137 -25.46 4.94 -6.54
N ASP B 138 -24.95 6.12 -6.20
CA ASP B 138 -25.51 7.37 -6.72
C ASP B 138 -25.28 7.41 -8.24
N LYS B 139 -24.17 6.85 -8.68
CA LYS B 139 -23.84 6.85 -10.11
C LYS B 139 -24.41 5.66 -10.86
N GLY B 140 -25.26 4.89 -10.19
CA GLY B 140 -25.88 3.75 -10.83
C GLY B 140 -24.95 2.63 -11.26
N ILE B 141 -23.88 2.44 -10.48
CA ILE B 141 -22.90 1.39 -10.76
C ILE B 141 -23.27 0.14 -9.98
N ASP B 142 -23.40 -0.97 -10.70
CA ASP B 142 -23.73 -2.26 -10.09
C ASP B 142 -22.55 -2.75 -9.26
N LYS B 143 -22.84 -3.34 -8.10
CA LYS B 143 -21.82 -3.85 -7.21
C LYS B 143 -20.91 -4.91 -7.83
N LYS B 144 -21.41 -5.61 -8.83
CA LYS B 144 -20.60 -6.62 -9.48
C LYS B 144 -19.64 -5.97 -10.46
N ASN B 145 -19.80 -4.67 -10.65
CA ASN B 145 -18.94 -3.90 -11.54
C ASN B 145 -17.93 -3.11 -10.74
N VAL B 146 -17.52 -3.66 -9.60
CA VAL B 146 -16.53 -3.04 -8.72
C VAL B 146 -15.42 -4.04 -8.45
N VAL B 147 -14.17 -3.59 -8.58
CA VAL B 147 -13.02 -4.45 -8.35
C VAL B 147 -12.31 -4.08 -7.05
N ASN B 148 -11.91 -5.11 -6.31
CA ASN B 148 -11.20 -4.92 -5.05
C ASN B 148 -9.72 -5.10 -5.38
N PHE B 149 -9.01 -3.98 -5.52
CA PHE B 149 -7.59 -4.00 -5.84
C PHE B 149 -6.75 -4.40 -4.64
N LEU B 150 -7.21 -4.07 -3.45
CA LEU B 150 -6.47 -4.38 -2.24
C LEU B 150 -6.29 -5.88 -2.04
N GLU B 151 -7.34 -6.66 -2.26
CA GLU B 151 -7.24 -8.09 -2.08
C GLU B 151 -6.40 -8.72 -3.19
N ASN B 152 -6.33 -8.04 -4.33
CA ASN B 152 -5.51 -8.58 -5.42
C ASN B 152 -4.05 -8.41 -5.02
N GLU B 153 -3.71 -7.25 -4.48
CA GLU B 153 -2.35 -7.01 -4.04
C GLU B 153 -1.99 -7.92 -2.86
N ASN B 154 -2.98 -8.26 -2.03
CA ASN B 154 -2.74 -9.12 -0.86
C ASN B 154 -2.59 -10.58 -1.22
N HIS B 155 -2.98 -10.93 -2.44
CA HIS B 155 -2.90 -12.32 -2.90
C HIS B 155 -2.36 -12.30 -4.32
N PRO B 156 -1.07 -11.94 -4.50
CA PRO B 156 -0.44 -11.88 -5.82
C PRO B 156 -0.08 -13.26 -6.38
N HIS B 157 0.60 -13.29 -7.51
CA HIS B 157 1.00 -14.55 -8.13
C HIS B 157 2.22 -14.35 -9.02
C1 ANC C . -7.69 7.03 -13.00
C2 ANC C . -6.60 6.55 -13.82
C3 ANC C . -7.92 8.42 -12.88
C4 ANC C . -5.75 7.50 -14.50
C5 ANC C . -7.08 9.36 -13.54
C6 ANC C . -6.01 8.91 -14.34
C7 ANC C . -11.79 7.57 -9.92
C8 ANC C . -11.53 6.06 -10.08
C9 ANC C . -10.94 8.48 -10.58
C10 ANC C . -10.45 5.66 -10.88
C11 ANC C . -9.86 8.02 -11.39
C12 ANC C . -9.62 6.61 -11.53
C13 ANC C . -8.49 6.06 -12.37
C14 ANC C . -8.96 9.02 -12.10
N1 ANC C . -7.29 10.85 -13.43
C1 ANC D . 10.59 -11.78 8.45
C2 ANC D . 10.10 -12.80 7.57
C3 ANC D . 10.66 -12.01 9.84
C4 ANC D . 9.69 -14.09 8.11
C5 ANC D . 10.27 -13.27 10.39
C6 ANC D . 9.79 -14.30 9.55
C7 ANC D . 12.43 -7.48 10.63
C8 ANC D . 12.35 -7.21 9.13
C9 ANC D . 12.03 -8.73 11.12
C10 ANC D . 11.86 -8.24 8.29
C11 ANC D . 11.55 -9.74 10.24
C12 ANC D . 11.48 -9.49 8.84
C13 ANC D . 10.97 -10.54 7.87
C14 ANC D . 11.13 -11.09 10.81
N1 ANC D . 10.34 -13.56 11.88
C1 3OL E . 10.85 -14.62 10.79
C1 3OL E . 11.59 -14.48 11.13
C2 3OL E . 9.68 -14.44 9.91
C2 3OL E . 10.25 -14.61 10.35
C3 3OL E . 9.77 -13.11 9.34
C3 3OL E . 9.93 -13.21 9.64
O1 3OL E . 8.84 -12.70 8.36
O1 3OL E . 9.11 -13.22 8.46
C4 3OL E . 10.90 -12.14 9.70
C4 3OL E . 10.97 -12.03 10.00
C5 3OL E . 11.00 -10.80 8.96
C5 3OL E . 11.16 -10.90 9.07
C6 3OL E . 12.04 -9.93 9.61
C6 3OL E . 12.07 -9.91 9.77
C7 3OL E . 12.11 -8.55 8.98
C7 3OL E . 12.36 -8.69 8.98
C8 3OL E . 13.06 -7.53 9.69
C8 3OL E . 13.21 -7.64 9.73
#